data_6TKX
#
_entry.id   6TKX
#
_cell.length_a   108.460
_cell.length_b   108.460
_cell.length_c   44.790
_cell.angle_alpha   90.00
_cell.angle_beta   90.00
_cell.angle_gamma   90.00
#
_symmetry.space_group_name_H-M   'P 43 21 2'
#
loop_
_entity.id
_entity.type
_entity.pdbx_description
1 polymer 'Carbohydrate esterase'
2 non-polymer 'SULFATE ION'
3 water water
#
_entity_poly.entity_id   1
_entity_poly.type   'polypeptide(L)'
_entity_poly.pdbx_seq_one_letter_code
;MQDFQMPKGPAEDTYSTSWTNVNYASDSLESHNLDIYLPKEQKTAYKAIIIIYGSAWFANNAKAMASASIGAPLLKAGFA
VISINHRSSMEAIWPAQIQDVKAAIRYVRSNAAKYNIDPSFIGITGFSSGGHLSAFAGVTNGVKTLTSGDLTVDIEGSLG
NYLSTGSHVDAVVDWFGPVDMAHMSNCVAPNDASTPEAVLIGKKDPREEPDWVKLISPINFVDKDDPDILIIHGDADNVV
PHCQSVNLKNVYDNAGAKATFISVPGGGHGPGCFDTQYFKDMTDFFTEQSTKLEHHHHHH
;
_entity_poly.pdbx_strand_id   A
#
# COMPACT_ATOMS: atom_id res chain seq x y z
N GLN A 2 24.97 -21.50 -4.91
CA GLN A 2 26.40 -21.30 -5.15
C GLN A 2 26.59 -19.86 -5.57
N ASP A 3 26.41 -19.59 -6.87
CA ASP A 3 26.09 -18.23 -7.27
C ASP A 3 24.61 -18.03 -6.98
N PHE A 4 24.29 -17.23 -5.97
CA PHE A 4 22.94 -17.06 -5.49
C PHE A 4 22.48 -15.62 -5.75
N GLN A 5 21.19 -15.49 -6.05
CA GLN A 5 20.57 -14.21 -6.36
C GLN A 5 19.23 -14.13 -5.64
N MET A 6 19.11 -13.19 -4.69
CA MET A 6 17.81 -13.02 -4.03
C MET A 6 16.75 -12.74 -5.09
N PRO A 7 15.51 -13.29 -4.95
CA PRO A 7 14.48 -13.08 -5.99
C PRO A 7 14.26 -11.60 -6.31
N LYS A 8 14.44 -11.24 -7.59
CA LYS A 8 14.32 -9.87 -8.09
C LYS A 8 13.17 -9.78 -9.09
N GLY A 9 12.02 -9.30 -8.61
CA GLY A 9 10.82 -9.26 -9.40
C GLY A 9 10.19 -10.63 -9.40
N PRO A 10 9.03 -10.77 -10.02
CA PRO A 10 8.38 -12.07 -10.06
C PRO A 10 9.08 -13.00 -11.03
N ALA A 11 9.04 -14.31 -10.71
CA ALA A 11 9.70 -15.32 -11.53
C ALA A 11 9.31 -15.17 -13.00
N GLU A 12 10.21 -15.58 -13.89
CA GLU A 12 10.06 -15.25 -15.31
C GLU A 12 8.83 -15.88 -15.94
N ASP A 13 8.46 -17.08 -15.51
CA ASP A 13 7.37 -17.82 -16.15
C ASP A 13 6.00 -17.42 -15.61
N THR A 14 5.91 -16.43 -14.73
CA THR A 14 4.61 -16.02 -14.22
C THR A 14 4.01 -14.88 -15.02
N TYR A 15 4.77 -14.29 -15.94
CA TYR A 15 4.22 -13.20 -16.75
C TYR A 15 4.61 -13.32 -18.22
N SER A 16 3.71 -12.80 -19.06
CA SER A 16 3.94 -12.68 -20.50
C SER A 16 4.63 -11.38 -20.86
N THR A 17 4.48 -10.34 -20.05
CA THR A 17 4.89 -9.02 -20.48
C THR A 17 5.35 -8.22 -19.28
N SER A 18 6.38 -7.42 -19.48
CA SER A 18 7.12 -6.78 -18.41
C SER A 18 7.56 -5.43 -18.95
N TRP A 19 7.24 -4.35 -18.23
CA TRP A 19 7.82 -3.03 -18.45
C TRP A 19 8.44 -2.58 -17.12
N THR A 20 9.74 -2.28 -17.12
CA THR A 20 10.42 -1.96 -15.88
C THR A 20 10.97 -0.54 -15.93
N ASN A 21 11.00 0.04 -14.74
CA ASN A 21 11.51 1.39 -14.50
C ASN A 21 10.83 2.42 -15.39
N VAL A 22 9.51 2.31 -15.43
CA VAL A 22 8.63 3.31 -16.01
C VAL A 22 8.39 4.43 -15.00
N ASN A 23 8.65 5.68 -15.40
CA ASN A 23 8.38 6.82 -14.52
C ASN A 23 6.91 7.22 -14.57
N TYR A 24 6.35 7.46 -13.40
CA TYR A 24 4.93 7.83 -13.31
C TYR A 24 4.70 9.30 -12.97
N ALA A 25 5.75 10.07 -12.74
CA ALA A 25 5.64 11.45 -12.32
C ALA A 25 6.18 12.40 -13.37
N SER A 26 6.51 11.90 -14.56
CA SER A 26 7.06 12.72 -15.62
C SER A 26 8.28 13.48 -15.13
N ASP A 27 9.19 12.79 -14.44
CA ASP A 27 10.40 13.41 -13.97
C ASP A 27 11.52 12.40 -14.09
N SER A 28 12.67 12.71 -13.49
CA SER A 28 13.84 11.85 -13.62
C SER A 28 14.17 11.05 -12.35
N LEU A 29 13.26 10.99 -11.38
CA LEU A 29 13.58 10.35 -10.11
C LEU A 29 13.24 8.87 -10.12
N GLU A 30 14.18 8.05 -9.64
CA GLU A 30 13.91 6.61 -9.48
C GLU A 30 12.85 6.35 -8.41
N SER A 31 12.74 7.23 -7.40
CA SER A 31 11.66 7.12 -6.43
C SER A 31 10.29 7.20 -7.07
N HIS A 32 10.21 7.66 -8.32
CA HIS A 32 8.96 7.80 -9.06
C HIS A 32 8.86 6.84 -10.23
N ASN A 33 9.56 5.71 -10.14
CA ASN A 33 9.43 4.65 -11.13
C ASN A 33 8.53 3.55 -10.61
N LEU A 34 8.10 2.70 -11.55
CA LEU A 34 7.30 1.53 -11.24
C LEU A 34 7.57 0.46 -12.28
N ASP A 35 7.10 -0.76 -11.99
CA ASP A 35 7.23 -1.88 -12.91
C ASP A 35 5.84 -2.49 -13.11
N ILE A 36 5.60 -3.07 -14.30
CA ILE A 36 4.31 -3.58 -14.71
C ILE A 36 4.48 -4.97 -15.28
N TYR A 37 3.63 -5.90 -14.86
CA TYR A 37 3.68 -7.27 -15.33
C TYR A 37 2.28 -7.74 -15.69
N LEU A 38 2.14 -8.38 -16.86
CA LEU A 38 0.87 -8.97 -17.22
C LEU A 38 0.98 -10.49 -17.12
N PRO A 39 -0.10 -11.16 -16.71
CA PRO A 39 0.00 -12.60 -16.49
C PRO A 39 0.49 -13.39 -17.70
N LYS A 40 0.93 -14.61 -17.41
CA LYS A 40 1.25 -15.59 -18.45
C LYS A 40 0.01 -15.91 -19.27
N GLU A 41 -1.03 -16.41 -18.61
CA GLU A 41 -2.30 -16.65 -19.29
C GLU A 41 -2.73 -15.34 -19.95
N GLN A 42 -2.52 -15.24 -21.27
CA GLN A 42 -2.71 -13.97 -21.96
C GLN A 42 -4.19 -13.70 -22.21
N LYS A 43 -4.57 -12.43 -22.08
CA LYS A 43 -5.94 -11.99 -22.30
C LYS A 43 -5.89 -10.60 -22.93
N THR A 44 -7.08 -10.11 -23.28
CA THR A 44 -7.19 -8.83 -23.98
C THR A 44 -6.98 -7.68 -23.03
N ALA A 45 -7.48 -7.84 -21.80
CA ALA A 45 -7.35 -6.88 -20.74
C ALA A 45 -7.16 -7.60 -19.42
N TYR A 46 -6.40 -6.97 -18.54
CA TYR A 46 -6.24 -7.43 -17.18
C TYR A 46 -6.65 -6.32 -16.23
N LYS A 47 -7.48 -6.66 -15.26
CA LYS A 47 -7.67 -5.79 -14.11
C LYS A 47 -6.36 -5.73 -13.31
N ALA A 48 -6.17 -4.61 -12.62
CA ALA A 48 -4.87 -4.21 -12.10
C ALA A 48 -4.83 -4.20 -10.57
N ILE A 49 -3.68 -4.61 -10.03
CA ILE A 49 -3.38 -4.57 -8.60
C ILE A 49 -2.06 -3.83 -8.44
N ILE A 50 -2.07 -2.72 -7.71
CA ILE A 50 -0.85 -1.99 -7.36
C ILE A 50 -0.29 -2.54 -6.06
N ILE A 51 1.04 -2.67 -6.00
CA ILE A 51 1.69 -3.24 -4.82
C ILE A 51 2.78 -2.29 -4.34
N ILE A 52 2.99 -2.29 -3.02
CA ILE A 52 3.92 -1.37 -2.37
C ILE A 52 4.75 -2.10 -1.31
N TYR A 53 6.06 -1.97 -1.40
CA TYR A 53 6.98 -2.58 -0.44
C TYR A 53 6.86 -1.91 0.93
N GLY A 54 7.32 -2.65 1.96
CA GLY A 54 7.43 -2.13 3.32
C GLY A 54 8.89 -1.82 3.58
N SER A 55 9.15 -0.82 4.42
CA SER A 55 10.50 -0.30 4.56
C SER A 55 10.59 0.75 5.66
N ALA A 56 9.59 0.80 6.54
CA ALA A 56 9.51 1.85 7.53
C ALA A 56 9.53 3.22 6.90
N TRP A 57 9.01 3.32 5.67
CA TRP A 57 9.01 4.51 4.82
C TRP A 57 10.39 4.96 4.39
N PHE A 58 11.44 4.19 4.68
CA PHE A 58 12.81 4.61 4.46
C PHE A 58 13.31 4.36 3.04
N ALA A 59 12.78 3.36 2.35
CA ALA A 59 13.34 2.99 1.06
C ALA A 59 12.58 3.68 -0.07
N ASN A 60 13.31 3.98 -1.15
CA ASN A 60 12.76 4.64 -2.32
C ASN A 60 13.05 3.87 -3.61
N ASN A 61 13.36 2.57 -3.51
CA ASN A 61 13.93 1.82 -4.63
C ASN A 61 13.66 0.33 -4.55
N ALA A 62 12.65 -0.12 -3.81
CA ALA A 62 12.48 -1.51 -3.43
C ALA A 62 11.31 -2.20 -4.12
N LYS A 63 10.75 -1.59 -5.17
CA LYS A 63 9.64 -2.20 -5.89
C LYS A 63 9.92 -3.64 -6.35
N ALA A 64 11.17 -3.99 -6.64
CA ALA A 64 11.45 -5.38 -7.04
C ALA A 64 11.29 -6.34 -5.87
N MET A 65 11.57 -5.91 -4.64
CA MET A 65 11.29 -6.78 -3.49
C MET A 65 9.80 -7.08 -3.36
N ALA A 66 8.96 -6.06 -3.52
CA ALA A 66 7.52 -6.29 -3.36
C ALA A 66 7.01 -7.24 -4.42
N SER A 67 7.42 -7.01 -5.67
CA SER A 67 7.15 -7.95 -6.78
C SER A 67 7.54 -9.37 -6.43
N ALA A 68 8.76 -9.56 -5.94
CA ALA A 68 9.22 -10.91 -5.67
C ALA A 68 8.42 -11.54 -4.55
N SER A 69 7.96 -10.73 -3.58
CA SER A 69 7.24 -11.30 -2.44
C SER A 69 5.81 -11.70 -2.79
N ILE A 70 5.05 -10.85 -3.51
CA ILE A 70 3.62 -11.08 -3.64
C ILE A 70 3.13 -11.04 -5.08
N GLY A 71 4.01 -10.91 -6.08
CA GLY A 71 3.53 -10.63 -7.40
C GLY A 71 3.07 -11.86 -8.12
N ALA A 72 3.82 -12.95 -7.96
CA ALA A 72 3.47 -14.23 -8.60
C ALA A 72 2.05 -14.69 -8.30
N PRO A 73 1.57 -14.74 -7.06
CA PRO A 73 0.19 -15.17 -6.87
C PRO A 73 -0.79 -14.20 -7.55
N LEU A 74 -0.49 -12.90 -7.63
CA LEU A 74 -1.39 -11.95 -8.28
C LEU A 74 -1.43 -12.14 -9.80
N LEU A 75 -0.27 -12.34 -10.43
CA LEU A 75 -0.20 -12.72 -11.83
C LEU A 75 -0.95 -14.02 -12.10
N LYS A 76 -0.73 -15.06 -11.28
CA LYS A 76 -1.39 -16.33 -11.55
C LYS A 76 -2.89 -16.24 -11.35
N ALA A 77 -3.34 -15.38 -10.43
CA ALA A 77 -4.75 -15.14 -10.23
C ALA A 77 -5.40 -14.40 -11.42
N GLY A 78 -4.62 -13.70 -12.24
CA GLY A 78 -5.13 -13.12 -13.47
C GLY A 78 -5.00 -11.62 -13.57
N PHE A 79 -4.40 -10.98 -12.56
CA PHE A 79 -4.30 -9.54 -12.51
C PHE A 79 -2.95 -9.07 -13.06
N ALA A 80 -2.98 -7.93 -13.72
CA ALA A 80 -1.79 -7.14 -13.91
C ALA A 80 -1.25 -6.64 -12.58
N VAL A 81 0.08 -6.72 -12.42
CA VAL A 81 0.74 -6.31 -11.18
C VAL A 81 1.63 -5.12 -11.46
N ILE A 82 1.43 -4.05 -10.71
CA ILE A 82 2.18 -2.81 -10.89
C ILE A 82 2.84 -2.52 -9.56
N SER A 83 4.16 -2.59 -9.50
CA SER A 83 4.91 -2.37 -8.25
C SER A 83 5.61 -1.02 -8.28
N ILE A 84 5.35 -0.18 -7.28
CA ILE A 84 5.80 1.20 -7.33
C ILE A 84 6.87 1.51 -6.29
N ASN A 85 7.69 2.49 -6.63
CA ASN A 85 8.55 3.18 -5.69
C ASN A 85 7.82 4.39 -5.11
N HIS A 86 8.29 4.84 -3.93
CA HIS A 86 7.87 6.11 -3.32
C HIS A 86 9.10 6.77 -2.71
N ARG A 87 9.00 8.08 -2.46
CA ARG A 87 10.15 8.76 -1.88
C ARG A 87 10.36 8.35 -0.42
N SER A 88 11.61 8.41 -0.02
CA SER A 88 12.03 8.10 1.34
C SER A 88 11.57 9.21 2.29
N SER A 89 11.14 8.80 3.49
CA SER A 89 10.82 9.79 4.53
C SER A 89 12.00 10.74 4.75
N MET A 90 13.22 10.25 4.51
CA MET A 90 14.43 11.06 4.71
C MET A 90 14.65 12.10 3.64
N GLU A 91 13.98 11.99 2.49
CA GLU A 91 14.17 12.96 1.43
C GLU A 91 12.94 13.82 1.20
N ALA A 92 11.77 13.39 1.64
CA ALA A 92 10.58 14.25 1.62
C ALA A 92 9.66 13.76 2.74
N ILE A 93 9.33 14.65 3.69
CA ILE A 93 8.39 14.24 4.72
C ILE A 93 6.98 14.12 4.18
N TRP A 94 6.14 13.48 4.98
CA TRP A 94 4.73 13.39 4.68
C TRP A 94 4.19 14.79 4.41
N PRO A 95 3.26 14.96 3.46
CA PRO A 95 2.56 13.90 2.76
C PRO A 95 3.28 13.35 1.51
N ALA A 96 4.58 13.53 1.36
CA ALA A 96 5.21 13.19 0.08
C ALA A 96 4.90 11.75 -0.37
N GLN A 97 4.98 10.79 0.55
CA GLN A 97 4.81 9.39 0.17
C GLN A 97 3.43 9.12 -0.42
N ILE A 98 2.39 9.73 0.17
CA ILE A 98 1.04 9.45 -0.28
C ILE A 98 0.77 10.15 -1.61
N GLN A 99 1.37 11.32 -1.83
CA GLN A 99 1.25 11.96 -3.12
C GLN A 99 1.90 11.11 -4.20
N ASP A 100 2.99 10.44 -3.85
CA ASP A 100 3.61 9.51 -4.79
C ASP A 100 2.66 8.40 -5.16
N VAL A 101 2.04 7.76 -4.16
CA VAL A 101 1.13 6.65 -4.45
C VAL A 101 -0.02 7.15 -5.35
N LYS A 102 -0.60 8.29 -4.99
CA LYS A 102 -1.72 8.83 -5.76
C LYS A 102 -1.30 9.11 -7.21
N ALA A 103 -0.14 9.75 -7.40
CA ALA A 103 0.41 9.97 -8.73
C ALA A 103 0.57 8.66 -9.50
N ALA A 104 1.06 7.63 -8.82
CA ALA A 104 1.25 6.35 -9.49
C ALA A 104 -0.09 5.82 -9.96
N ILE A 105 -1.13 6.07 -9.18
CA ILE A 105 -2.45 5.57 -9.50
C ILE A 105 -3.01 6.31 -10.73
N ARG A 106 -2.88 7.62 -10.74
CA ARG A 106 -3.35 8.36 -11.91
C ARG A 106 -2.63 7.86 -13.13
N TYR A 107 -1.33 7.56 -12.99
CA TYR A 107 -0.57 7.03 -14.12
C TYR A 107 -1.19 5.73 -14.62
N VAL A 108 -1.36 4.77 -13.73
CA VAL A 108 -1.87 3.46 -14.18
C VAL A 108 -3.24 3.65 -14.84
N ARG A 109 -4.15 4.36 -14.17
CA ARG A 109 -5.51 4.52 -14.71
C ARG A 109 -5.51 5.22 -16.06
N SER A 110 -4.76 6.32 -16.18
CA SER A 110 -4.74 7.06 -17.44
C SER A 110 -4.19 6.22 -18.59
N ASN A 111 -3.15 5.42 -18.35
CA ASN A 111 -2.45 4.67 -19.39
C ASN A 111 -2.83 3.21 -19.42
N ALA A 112 -3.95 2.86 -18.83
CA ALA A 112 -4.30 1.45 -18.72
C ALA A 112 -4.30 0.76 -20.08
N ALA A 113 -4.88 1.42 -21.10
CA ALA A 113 -5.01 0.82 -22.43
C ALA A 113 -3.65 0.42 -23.00
N LYS A 114 -2.69 1.34 -22.96
CA LYS A 114 -1.36 1.07 -23.45
C LYS A 114 -0.75 -0.19 -22.86
N TYR A 115 -1.14 -0.56 -21.64
CA TYR A 115 -0.58 -1.69 -20.94
C TYR A 115 -1.53 -2.86 -20.90
N ASN A 116 -2.66 -2.75 -21.59
CA ASN A 116 -3.63 -3.83 -21.64
C ASN A 116 -4.21 -4.09 -20.26
N ILE A 117 -4.29 -2.99 -19.52
CA ILE A 117 -4.96 -2.93 -18.23
C ILE A 117 -6.40 -2.50 -18.43
N ASP A 118 -7.31 -3.26 -17.90
CA ASP A 118 -8.65 -2.76 -17.69
C ASP A 118 -8.74 -1.92 -16.42
N PRO A 119 -8.97 -0.59 -16.53
CA PRO A 119 -9.02 0.26 -15.33
C PRO A 119 -10.36 0.22 -14.59
N SER A 120 -11.31 -0.54 -15.11
CA SER A 120 -12.52 -0.96 -14.40
C SER A 120 -12.24 -1.35 -12.96
N PHE A 121 -11.02 -1.81 -12.66
CA PHE A 121 -10.69 -2.24 -11.31
C PHE A 121 -9.20 -2.02 -11.05
N ILE A 122 -8.88 -1.23 -10.03
CA ILE A 122 -7.51 -0.98 -9.62
C ILE A 122 -7.45 -1.20 -8.11
N GLY A 123 -7.14 -2.45 -7.69
CA GLY A 123 -6.87 -2.74 -6.29
C GLY A 123 -5.45 -2.32 -5.82
N ILE A 124 -5.24 -2.33 -4.50
CA ILE A 124 -3.96 -1.88 -3.97
C ILE A 124 -3.60 -2.69 -2.73
N THR A 125 -2.30 -2.95 -2.59
CA THR A 125 -1.83 -3.78 -1.49
C THR A 125 -0.36 -3.47 -1.19
N GLY A 126 0.04 -3.77 0.03
CA GLY A 126 1.39 -3.45 0.48
C GLY A 126 1.61 -4.09 1.83
N PHE A 127 2.88 -4.21 2.20
CA PHE A 127 3.18 -4.82 3.49
C PHE A 127 3.93 -3.83 4.36
N SER A 128 3.58 -3.85 5.64
CA SER A 128 4.23 -2.97 6.57
C SER A 128 3.90 -1.54 6.13
N SER A 129 4.88 -0.64 5.96
CA SER A 129 4.60 0.73 5.58
C SER A 129 3.86 0.80 4.25
N GLY A 130 4.13 -0.13 3.34
CA GLY A 130 3.35 -0.21 2.11
C GLY A 130 1.89 -0.54 2.35
N GLY A 131 1.61 -1.37 3.37
CA GLY A 131 0.24 -1.63 3.78
C GLY A 131 -0.39 -0.39 4.35
N HIS A 132 0.41 0.42 5.06
CA HIS A 132 -0.06 1.72 5.52
C HIS A 132 -0.47 2.54 4.33
N LEU A 133 0.39 2.62 3.31
CA LEU A 133 0.11 3.53 2.20
C LEU A 133 -1.10 3.06 1.42
N SER A 134 -1.14 1.75 1.13
CA SER A 134 -2.32 1.15 0.56
C SER A 134 -3.58 1.59 1.31
N ALA A 135 -3.58 1.40 2.65
CA ALA A 135 -4.76 1.72 3.43
C ALA A 135 -5.05 3.22 3.41
N PHE A 136 -4.01 4.05 3.44
CA PHE A 136 -4.27 5.48 3.42
C PHE A 136 -4.97 5.86 2.13
N ALA A 137 -4.71 5.13 1.04
CA ALA A 137 -5.38 5.44 -0.22
C ALA A 137 -6.81 4.92 -0.20
N GLY A 138 -7.03 3.77 0.43
CA GLY A 138 -8.36 3.21 0.46
C GLY A 138 -9.33 3.91 1.39
N VAL A 139 -8.90 4.93 2.12
CA VAL A 139 -9.76 5.76 2.94
C VAL A 139 -9.73 7.21 2.53
N THR A 140 -9.02 7.55 1.46
CA THR A 140 -8.96 8.92 0.97
C THR A 140 -9.31 9.02 -0.50
N ASN A 141 -10.02 8.04 -1.06
CA ASN A 141 -10.59 8.24 -2.40
C ASN A 141 -11.25 9.60 -2.44
N GLY A 142 -10.83 10.43 -3.38
CA GLY A 142 -11.53 11.68 -3.65
C GLY A 142 -11.16 12.84 -2.77
N VAL A 143 -10.12 12.71 -1.94
CA VAL A 143 -9.72 13.75 -1.02
C VAL A 143 -8.44 14.38 -1.52
N LYS A 144 -8.39 15.72 -1.54
CA LYS A 144 -7.17 16.34 -1.94
C LYS A 144 -6.40 16.92 -0.76
N THR A 145 -7.05 17.39 0.31
CA THR A 145 -6.34 17.78 1.52
C THR A 145 -7.06 17.22 2.74
N LEU A 146 -6.30 17.08 3.80
CA LEU A 146 -6.80 16.69 5.12
C LEU A 146 -6.25 17.70 6.12
N THR A 147 -7.08 18.12 7.06
CA THR A 147 -6.67 19.13 8.05
C THR A 147 -7.04 18.64 9.45
N SER A 148 -6.15 18.91 10.40
CA SER A 148 -6.33 18.54 11.81
C SER A 148 -5.78 19.66 12.64
N GLY A 149 -6.63 20.25 13.48
CA GLY A 149 -6.24 21.46 14.16
C GLY A 149 -5.85 22.47 13.10
N ASP A 150 -4.67 23.05 13.27
CA ASP A 150 -4.12 24.03 12.36
C ASP A 150 -3.16 23.42 11.34
N LEU A 151 -3.13 22.10 11.21
CA LEU A 151 -2.23 21.42 10.28
C LEU A 151 -3.00 21.01 9.06
N THR A 152 -2.47 21.35 7.88
CA THR A 152 -3.07 20.93 6.61
C THR A 152 -2.06 20.17 5.76
N VAL A 153 -2.49 19.03 5.19
CA VAL A 153 -1.63 18.26 4.30
C VAL A 153 -2.34 17.96 2.98
N ASP A 154 -1.58 18.15 1.90
CA ASP A 154 -1.98 17.87 0.53
C ASP A 154 -1.79 16.38 0.24
N ILE A 155 -2.89 15.64 0.27
CA ILE A 155 -2.95 14.20 0.01
C ILE A 155 -2.84 13.87 -1.49
N GLU A 156 -3.56 14.60 -2.36
CA GLU A 156 -3.55 14.19 -3.77
C GLU A 156 -2.29 14.68 -4.49
N GLY A 157 -1.82 15.86 -4.12
CA GLY A 157 -0.63 16.40 -4.74
C GLY A 157 -0.90 16.86 -6.16
N SER A 158 0.10 17.51 -6.77
CA SER A 158 0.10 17.86 -8.18
C SER A 158 1.21 17.17 -8.97
N LEU A 159 1.57 15.93 -8.62
CA LEU A 159 2.71 15.26 -9.24
C LEU A 159 2.31 14.67 -10.58
N GLY A 160 3.08 14.98 -11.62
CA GLY A 160 2.91 14.35 -12.91
C GLY A 160 1.93 15.06 -13.81
N ASN A 161 1.54 14.34 -14.86
CA ASN A 161 0.81 14.92 -15.97
C ASN A 161 -0.53 14.25 -16.21
N TYR A 162 -1.11 13.61 -15.18
CA TYR A 162 -2.42 12.99 -15.28
C TYR A 162 -3.33 13.43 -14.15
N LEU A 163 -3.26 14.71 -13.75
CA LEU A 163 -4.02 15.20 -12.59
C LEU A 163 -5.53 15.10 -12.77
N SER A 164 -6.04 15.05 -14.00
CA SER A 164 -7.47 14.93 -14.27
C SER A 164 -8.00 13.52 -14.10
N THR A 165 -7.12 12.54 -14.07
CA THR A 165 -7.53 11.16 -13.92
C THR A 165 -7.76 10.88 -12.45
N GLY A 166 -8.79 10.09 -12.15
CA GLY A 166 -9.05 9.75 -10.77
C GLY A 166 -7.86 9.04 -10.14
N SER A 167 -7.62 9.35 -8.87
CA SER A 167 -6.53 8.73 -8.11
C SER A 167 -7.05 7.71 -7.10
N HIS A 168 -8.19 7.09 -7.40
CA HIS A 168 -8.85 6.21 -6.47
C HIS A 168 -8.55 4.74 -6.68
N VAL A 169 -8.81 3.96 -5.63
CA VAL A 169 -8.57 2.53 -5.62
C VAL A 169 -9.87 1.86 -5.26
N ASP A 170 -10.02 0.60 -5.67
CA ASP A 170 -11.29 -0.07 -5.54
C ASP A 170 -11.32 -1.14 -4.47
N ALA A 171 -10.18 -1.47 -3.87
CA ALA A 171 -10.14 -2.53 -2.87
C ALA A 171 -8.72 -2.54 -2.31
N VAL A 172 -8.58 -2.99 -1.05
CA VAL A 172 -7.34 -2.89 -0.31
C VAL A 172 -7.02 -4.20 0.39
N VAL A 173 -5.78 -4.65 0.28
CA VAL A 173 -5.27 -5.70 1.15
C VAL A 173 -4.09 -5.10 1.92
N ASP A 174 -4.19 -5.10 3.25
CA ASP A 174 -3.24 -4.49 4.17
C ASP A 174 -2.52 -5.63 4.88
N TRP A 175 -1.25 -5.80 4.54
CA TRP A 175 -0.38 -6.82 5.14
C TRP A 175 0.31 -6.14 6.33
N PHE A 176 -0.13 -6.49 7.53
CA PHE A 176 0.46 -6.02 8.77
C PHE A 176 1.06 -4.61 8.74
N GLY A 177 0.24 -3.61 8.38
CA GLY A 177 0.69 -2.24 8.30
C GLY A 177 0.45 -1.49 9.59
N PRO A 178 1.30 -0.48 9.86
CA PRO A 178 1.08 0.44 10.97
C PRO A 178 0.08 1.49 10.54
N VAL A 179 -1.12 1.45 11.14
CA VAL A 179 -2.25 2.25 10.69
C VAL A 179 -2.84 3.12 11.80
N ASP A 180 -2.30 3.05 13.02
CA ASP A 180 -2.85 3.74 14.20
C ASP A 180 -1.66 4.18 15.06
N MET A 181 -1.04 5.29 14.67
CA MET A 181 0.20 5.66 15.32
C MET A 181 -0.02 6.25 16.71
N ALA A 182 -1.26 6.59 17.07
CA ALA A 182 -1.56 6.99 18.44
C ALA A 182 -1.35 5.83 19.41
N HIS A 183 -1.26 4.60 18.89
CA HIS A 183 -1.22 3.41 19.75
C HIS A 183 -0.14 2.45 19.28
N MET A 184 0.98 2.95 18.79
CA MET A 184 2.06 2.07 18.35
CA MET A 184 2.06 2.07 18.35
C MET A 184 2.92 1.61 19.53
N SER A 185 3.17 2.49 20.49
CA SER A 185 3.97 2.14 21.66
C SER A 185 3.12 1.35 22.65
N ASN A 186 3.51 0.09 22.92
CA ASN A 186 2.80 -0.81 23.82
C ASN A 186 1.31 -0.96 23.43
N CYS A 187 0.97 -0.60 22.19
CA CYS A 187 -0.43 -0.58 21.74
C CYS A 187 -1.28 0.42 22.51
N VAL A 188 -0.68 1.40 23.20
CA VAL A 188 -1.47 2.35 23.98
C VAL A 188 -1.06 3.80 23.79
N ALA A 189 0.09 4.06 23.15
CA ALA A 189 0.60 5.42 23.14
C ALA A 189 1.35 5.68 21.85
N PRO A 190 1.59 6.95 21.50
CA PRO A 190 2.51 7.25 20.40
C PRO A 190 3.96 6.98 20.79
N ASN A 191 4.79 6.68 19.78
CA ASN A 191 6.21 6.47 19.96
C ASN A 191 6.93 7.81 20.18
N ASP A 192 8.21 7.71 20.58
CA ASP A 192 9.02 8.89 20.71
C ASP A 192 9.65 9.27 19.37
N ALA A 193 10.49 10.29 19.40
CA ALA A 193 11.03 10.89 18.19
C ALA A 193 12.14 10.07 17.55
N SER A 194 12.52 8.92 18.10
CA SER A 194 13.56 8.10 17.49
C SER A 194 13.03 7.13 16.44
N THR A 195 11.72 7.04 16.26
CA THR A 195 11.13 5.95 15.52
C THR A 195 10.82 6.37 14.10
N PRO A 196 10.51 5.41 13.23
CA PRO A 196 10.28 5.78 11.82
C PRO A 196 9.10 6.73 11.60
N GLU A 197 8.06 6.70 12.41
CA GLU A 197 6.98 7.65 12.21
C GLU A 197 7.45 9.06 12.59
N ALA A 198 8.40 9.18 13.49
CA ALA A 198 8.94 10.49 13.82
C ALA A 198 9.65 11.11 12.61
N VAL A 199 10.50 10.33 11.95
CA VAL A 199 11.10 10.79 10.70
C VAL A 199 10.01 11.11 9.67
N LEU A 200 9.02 10.24 9.56
CA LEU A 200 7.96 10.51 8.59
C LEU A 200 7.36 11.90 8.76
N ILE A 201 7.18 12.34 10.01
CA ILE A 201 6.61 13.66 10.26
C ILE A 201 7.70 14.71 10.48
N GLY A 202 8.93 14.44 10.08
CA GLY A 202 9.94 15.47 10.12
C GLY A 202 10.66 15.58 11.44
N LYS A 203 10.97 14.43 12.04
CA LYS A 203 11.83 14.40 13.22
C LYS A 203 11.23 15.17 14.39
N LYS A 204 9.91 15.11 14.50
CA LYS A 204 9.14 15.60 15.63
C LYS A 204 8.75 14.42 16.50
N ASP A 205 8.47 14.70 17.78
CA ASP A 205 8.06 13.67 18.73
C ASP A 205 6.57 13.41 18.57
N PRO A 206 6.18 12.23 18.08
CA PRO A 206 4.75 11.99 17.92
C PRO A 206 3.98 12.23 19.21
N ARG A 207 4.62 12.05 20.38
CA ARG A 207 3.89 12.22 21.61
C ARG A 207 3.47 13.67 21.82
N GLU A 208 4.05 14.59 21.06
CA GLU A 208 3.77 16.01 21.14
C GLU A 208 2.91 16.49 20.00
N GLU A 209 2.58 15.61 19.07
CA GLU A 209 2.01 16.02 17.79
C GLU A 209 0.75 15.24 17.49
N PRO A 210 -0.35 15.53 18.21
CA PRO A 210 -1.59 14.81 17.91
C PRO A 210 -2.09 15.01 16.50
N ASP A 211 -1.83 16.17 15.89
CA ASP A 211 -2.40 16.44 14.58
C ASP A 211 -1.62 15.68 13.50
N TRP A 212 -0.31 15.76 13.56
CA TRP A 212 0.50 14.96 12.66
C TRP A 212 0.15 13.48 12.77
N VAL A 213 -0.01 12.99 14.00
CA VAL A 213 -0.30 11.58 14.20
C VAL A 213 -1.66 11.25 13.61
N LYS A 214 -2.63 12.15 13.70
CA LYS A 214 -3.93 11.83 13.12
C LYS A 214 -3.83 11.70 11.62
N LEU A 215 -3.05 12.58 10.99
CA LEU A 215 -3.04 12.69 9.55
C LEU A 215 -2.08 11.73 8.85
N ILE A 216 -1.32 10.92 9.60
CA ILE A 216 -0.59 9.80 9.02
C ILE A 216 -1.25 8.47 9.32
N SER A 217 -2.40 8.48 10.02
CA SER A 217 -3.01 7.25 10.52
C SER A 217 -4.33 7.04 9.81
N PRO A 218 -4.39 6.11 8.87
CA PRO A 218 -5.61 5.91 8.07
C PRO A 218 -6.77 5.44 8.89
N ILE A 219 -6.53 4.99 10.12
CA ILE A 219 -7.63 4.50 10.95
C ILE A 219 -8.62 5.62 11.25
N ASN A 220 -8.16 6.86 11.22
CA ASN A 220 -8.93 8.06 11.50
C ASN A 220 -9.89 8.51 10.39
N PHE A 221 -9.91 7.85 9.22
CA PHE A 221 -10.73 8.36 8.11
C PHE A 221 -11.66 7.29 7.52
N VAL A 222 -11.84 6.19 8.23
CA VAL A 222 -12.63 5.07 7.71
C VAL A 222 -14.11 5.45 7.67
N ASP A 223 -14.76 5.18 6.53
CA ASP A 223 -16.14 5.55 6.29
C ASP A 223 -16.92 4.37 5.75
N LYS A 224 -18.22 4.35 6.06
CA LYS A 224 -19.11 3.24 5.69
C LYS A 224 -18.98 2.87 4.21
N ASP A 225 -18.76 3.88 3.35
CA ASP A 225 -18.75 3.73 1.91
C ASP A 225 -17.38 3.40 1.35
N ASP A 226 -16.34 3.39 2.18
CA ASP A 226 -14.99 3.23 1.69
C ASP A 226 -14.81 1.84 1.10
N PRO A 227 -13.90 1.67 0.15
CA PRO A 227 -13.66 0.34 -0.43
C PRO A 227 -13.42 -0.71 0.63
N ASP A 228 -13.89 -1.92 0.36
CA ASP A 228 -13.67 -3.04 1.27
C ASP A 228 -12.16 -3.25 1.48
N ILE A 229 -11.81 -3.93 2.58
CA ILE A 229 -10.41 -4.14 2.92
C ILE A 229 -10.23 -5.53 3.50
N LEU A 230 -9.10 -6.16 3.16
CA LEU A 230 -8.64 -7.37 3.81
C LEU A 230 -7.35 -7.06 4.58
N ILE A 231 -7.32 -7.44 5.85
CA ILE A 231 -6.21 -7.15 6.73
C ILE A 231 -5.63 -8.49 7.15
N ILE A 232 -4.31 -8.62 7.04
CA ILE A 232 -3.61 -9.87 7.35
C ILE A 232 -2.46 -9.49 8.26
N HIS A 233 -2.41 -10.08 9.45
CA HIS A 233 -1.37 -9.74 10.43
C HIS A 233 -0.98 -10.97 11.22
N GLY A 234 0.32 -11.14 11.46
CA GLY A 234 0.79 -12.24 12.31
C GLY A 234 0.71 -11.91 13.80
N ASP A 235 0.26 -12.88 14.59
CA ASP A 235 0.10 -12.67 16.02
C ASP A 235 1.41 -12.73 16.80
N ALA A 236 2.53 -13.03 16.14
CA ALA A 236 3.86 -12.86 16.73
C ALA A 236 4.68 -11.81 15.97
N ASP A 237 4.04 -10.81 15.40
CA ASP A 237 4.76 -9.76 14.71
C ASP A 237 5.49 -8.89 15.73
N ASN A 238 6.81 -8.87 15.63
CA ASN A 238 7.68 -8.15 16.54
C ASN A 238 8.07 -6.76 16.07
N VAL A 239 7.52 -6.27 14.95
CA VAL A 239 7.95 -5.00 14.38
C VAL A 239 6.81 -3.99 14.38
N VAL A 240 5.70 -4.36 13.77
CA VAL A 240 4.43 -3.66 13.90
C VAL A 240 3.49 -4.55 14.70
N PRO A 241 2.95 -4.09 15.84
CA PRO A 241 2.15 -4.99 16.68
C PRO A 241 0.78 -5.34 16.08
N HIS A 242 0.39 -6.58 16.35
CA HIS A 242 -0.90 -7.14 15.95
C HIS A 242 -2.05 -6.18 16.30
N CYS A 243 -1.95 -5.52 17.45
CA CYS A 243 -3.05 -4.66 17.90
C CYS A 243 -3.45 -3.66 16.83
N GLN A 244 -2.49 -3.24 16.00
CA GLN A 244 -2.78 -2.26 14.95
C GLN A 244 -3.92 -2.77 14.08
N SER A 245 -3.77 -3.99 13.57
CA SER A 245 -4.75 -4.55 12.66
C SER A 245 -6.06 -4.83 13.36
N VAL A 246 -6.00 -5.27 14.63
CA VAL A 246 -7.21 -5.44 15.44
C VAL A 246 -7.97 -4.12 15.47
N ASN A 247 -7.25 -3.03 15.72
CA ASN A 247 -7.92 -1.74 15.84
C ASN A 247 -8.58 -1.38 14.51
N LEU A 248 -7.86 -1.60 13.40
CA LEU A 248 -8.36 -1.17 12.11
C LEU A 248 -9.65 -1.91 11.80
N LYS A 249 -9.67 -3.21 12.11
CA LYS A 249 -10.84 -4.00 11.83
C LYS A 249 -11.99 -3.51 12.68
N ASN A 250 -11.73 -3.32 13.98
CA ASN A 250 -12.75 -2.76 14.87
C ASN A 250 -13.34 -1.48 14.27
N VAL A 251 -12.48 -0.61 13.74
CA VAL A 251 -12.97 0.66 13.24
C VAL A 251 -13.81 0.42 11.99
N TYR A 252 -13.33 -0.43 11.07
CA TYR A 252 -14.16 -0.77 9.92
C TYR A 252 -15.52 -1.31 10.38
N ASP A 253 -15.50 -2.18 11.40
CA ASP A 253 -16.73 -2.78 11.87
C ASP A 253 -17.69 -1.71 12.43
N ASN A 254 -17.18 -0.78 13.24
CA ASN A 254 -18.05 0.19 13.90
C ASN A 254 -18.44 1.35 12.97
N ALA A 255 -17.81 1.47 11.80
CA ALA A 255 -18.17 2.57 10.90
C ALA A 255 -19.11 2.12 9.80
N GLY A 256 -19.47 0.84 9.80
CA GLY A 256 -20.38 0.32 8.80
C GLY A 256 -19.71 -0.14 7.53
N ALA A 257 -18.38 -0.17 7.48
CA ALA A 257 -17.63 -0.60 6.29
C ALA A 257 -17.28 -2.07 6.43
N LYS A 258 -16.60 -2.59 5.41
CA LYS A 258 -16.39 -4.01 5.25
C LYS A 258 -14.90 -4.27 5.36
N ALA A 259 -14.52 -5.02 6.38
CA ALA A 259 -13.15 -5.41 6.64
C ALA A 259 -13.17 -6.89 6.95
N THR A 260 -12.23 -7.64 6.38
CA THR A 260 -11.94 -9.01 6.82
C THR A 260 -10.58 -9.01 7.50
N PHE A 261 -10.46 -9.63 8.65
CA PHE A 261 -9.18 -9.68 9.35
C PHE A 261 -8.74 -11.11 9.46
N ILE A 262 -7.55 -11.39 8.95
CA ILE A 262 -6.92 -12.71 9.04
C ILE A 262 -5.69 -12.62 9.91
N SER A 263 -5.68 -13.38 10.98
CA SER A 263 -4.58 -13.37 11.94
C SER A 263 -3.79 -14.64 11.71
N VAL A 264 -2.46 -14.52 11.63
CA VAL A 264 -1.59 -15.60 11.18
C VAL A 264 -0.87 -16.14 12.42
N PRO A 265 -1.20 -17.34 12.88
CA PRO A 265 -0.69 -17.77 14.18
C PRO A 265 0.78 -18.16 14.08
N GLY A 266 1.59 -17.59 14.98
CA GLY A 266 3.03 -17.70 14.90
C GLY A 266 3.64 -16.84 13.81
N GLY A 267 2.84 -16.01 13.14
CA GLY A 267 3.34 -15.25 12.01
C GLY A 267 4.20 -14.11 12.51
N GLY A 268 5.39 -14.00 11.93
CA GLY A 268 6.24 -12.84 12.16
C GLY A 268 5.77 -11.68 11.30
N HIS A 269 6.69 -10.72 11.14
CA HIS A 269 6.54 -9.57 10.27
C HIS A 269 6.93 -9.97 8.85
N GLY A 270 6.11 -10.85 8.27
CA GLY A 270 6.37 -11.42 6.95
C GLY A 270 6.49 -12.94 6.99
N PRO A 271 7.42 -13.43 7.80
CA PRO A 271 7.54 -14.88 8.01
C PRO A 271 6.25 -15.55 8.46
N GLY A 272 5.89 -16.63 7.76
CA GLY A 272 4.67 -17.38 8.03
C GLY A 272 3.43 -16.78 7.41
N CYS A 273 3.46 -15.48 7.13
CA CYS A 273 2.33 -14.81 6.52
C CYS A 273 2.31 -14.96 5.02
N PHE A 274 3.48 -15.06 4.38
CA PHE A 274 3.56 -15.24 2.93
C PHE A 274 3.48 -16.72 2.53
N ASP A 275 2.58 -17.50 3.13
CA ASP A 275 2.30 -18.87 2.73
C ASP A 275 1.16 -18.91 1.71
N THR A 276 1.16 -19.96 0.89
CA THR A 276 0.07 -20.23 -0.04
C THR A 276 -1.31 -19.88 0.50
N GLN A 277 -1.61 -20.40 1.69
CA GLN A 277 -2.90 -20.16 2.35
C GLN A 277 -3.27 -18.68 2.33
N TYR A 278 -2.37 -17.82 2.74
CA TYR A 278 -2.75 -16.42 2.85
C TYR A 278 -2.63 -15.66 1.54
N PHE A 279 -1.72 -16.07 0.64
CA PHE A 279 -1.76 -15.57 -0.73
C PHE A 279 -3.15 -15.83 -1.33
N LYS A 280 -3.69 -17.02 -1.10
CA LYS A 280 -5.04 -17.32 -1.55
C LYS A 280 -6.06 -16.38 -0.91
N ASP A 281 -5.98 -16.17 0.40
CA ASP A 281 -6.91 -15.20 0.99
C ASP A 281 -6.87 -13.88 0.22
N MET A 282 -5.68 -13.42 -0.14
CA MET A 282 -5.56 -12.18 -0.91
C MET A 282 -6.17 -12.29 -2.32
N THR A 283 -5.85 -13.36 -3.04
CA THR A 283 -6.28 -13.44 -4.44
C THR A 283 -7.79 -13.72 -4.54
N ASP A 284 -8.31 -14.60 -3.69
CA ASP A 284 -9.74 -14.80 -3.55
C ASP A 284 -10.44 -13.47 -3.26
N PHE A 285 -9.93 -12.69 -2.30
CA PHE A 285 -10.52 -11.39 -2.03
C PHE A 285 -10.51 -10.50 -3.26
N PHE A 286 -9.34 -10.37 -3.89
CA PHE A 286 -9.18 -9.43 -4.97
C PHE A 286 -10.04 -9.85 -6.16
N THR A 287 -10.25 -11.15 -6.32
CA THR A 287 -11.12 -11.64 -7.38
C THR A 287 -12.58 -11.29 -7.10
N GLU A 288 -13.09 -11.67 -5.91
CA GLU A 288 -14.46 -11.29 -5.54
C GLU A 288 -14.71 -9.81 -5.77
N GLN A 289 -13.77 -8.97 -5.34
CA GLN A 289 -13.92 -7.53 -5.53
C GLN A 289 -13.91 -7.17 -7.00
N SER A 290 -13.01 -7.78 -7.79
CA SER A 290 -12.89 -7.45 -9.21
C SER A 290 -14.18 -7.73 -9.97
N THR A 291 -14.95 -8.71 -9.50
CA THR A 291 -16.15 -9.13 -10.20
C THR A 291 -17.42 -8.45 -9.70
N LYS A 292 -17.52 -8.20 -8.39
CA LYS A 292 -18.77 -7.66 -7.86
C LYS A 292 -19.21 -6.40 -8.59
#